data_5FX6
#
_entry.id   5FX6
#
_cell.length_a   34.046
_cell.length_b   77.641
_cell.length_c   34.112
_cell.angle_alpha   90.00
_cell.angle_beta   104.99
_cell.angle_gamma   90.00
#
_symmetry.space_group_name_H-M   'P 1 21 1'
#
loop_
_entity.id
_entity.type
_entity.pdbx_description
1 polymer 'RHINOVIRUS 3C PROTEASE'
2 non-polymer 'ethyl (4R)-4-[[(2S,4S)-1-[(2S)-3-methyl-2-[(5-methyl-1,2-oxazol-3-yl)carbonylamino]butanoyl]-4-phenyl-pyrrolidin-2-yl]carbonylamino]-5-[(3S)-2-oxidanylidenepyrrolidin-3-yl]pentanoate'
3 water water
#
_entity_poly.entity_id   1
_entity_poly.type   'polypeptide(L)'
_entity_poly.pdbx_seq_one_letter_code
;GSGPEEEFGMSLIKHNSCVITTENGKFTGLGVYDRFVVVPTHADPGKEIQVDGITTKVIDSYDLYNKNGIKLEITVLKLD
RNEKFRDIRRYIPNNEDDYPNCNLALLANQPEPTIINVGDVVSYGNILLSGNQTARMLKYSYPTKSGYCGGVLYKIGQVL
GIHVGGNGRDGFSAMLLRSYFT
;
_entity_poly.pdbx_strand_id   A
#
loop_
_chem_comp.id
_chem_comp.type
_chem_comp.name
_chem_comp.formula
6OY non-polymer 'ethyl (4R)-4-[[(2S,4S)-1-[(2S)-3-methyl-2-[(5-methyl-1,2-oxazol-3-yl)carbonylamino]butanoyl]-4-phenyl-pyrrolidin-2-yl]carbonylamino]-5-[(3S)-2-oxidanylidenepyrrolidin-3-yl]pentanoate' 'C32 H43 N5 O7'
#
# COMPACT_ATOMS: atom_id res chain seq x y z
N GLY A 3 -1.69 19.22 12.27
CA GLY A 3 -2.35 19.80 11.11
C GLY A 3 -1.76 19.43 9.76
N PRO A 4 -0.54 19.90 9.44
CA PRO A 4 0.03 19.64 8.11
C PRO A 4 0.33 18.19 7.78
N GLU A 5 0.70 17.38 8.78
CA GLU A 5 0.98 15.96 8.58
C GLU A 5 -0.32 15.27 8.18
N GLU A 6 -1.41 15.59 8.89
CA GLU A 6 -2.74 15.03 8.59
C GLU A 6 -3.20 15.57 7.21
N GLU A 7 -2.95 16.86 6.92
CA GLU A 7 -3.34 17.50 5.64
C GLU A 7 -2.74 16.78 4.43
N PHE A 8 -1.44 16.46 4.50
CA PHE A 8 -0.74 15.76 3.43
C PHE A 8 -1.41 14.36 3.23
N GLY A 9 -1.72 13.67 4.33
CA GLY A 9 -2.37 12.37 4.26
C GLY A 9 -3.76 12.45 3.64
N MET A 10 -4.54 13.47 4.02
CA MET A 10 -5.87 13.64 3.45
C MET A 10 -5.77 13.98 1.94
N SER A 11 -4.71 14.68 1.51
CA SER A 11 -4.48 14.95 0.08
C SER A 11 -4.12 13.63 -0.64
N LEU A 12 -3.35 12.74 0.01
CA LEU A 12 -3.05 11.45 -0.59
C LEU A 12 -4.35 10.64 -0.75
N ILE A 13 -5.25 10.69 0.25
CA ILE A 13 -6.51 9.99 0.14
C ILE A 13 -7.33 10.60 -0.98
N LYS A 14 -7.43 11.92 -1.02
CA LYS A 14 -8.24 12.58 -2.04
C LYS A 14 -7.78 12.27 -3.45
N HIS A 15 -6.48 12.47 -3.73
CA HIS A 15 -5.95 12.32 -5.09
C HIS A 15 -5.41 10.96 -5.44
N ASN A 16 -5.05 10.17 -4.44
CA ASN A 16 -4.33 8.93 -4.73
C ASN A 16 -4.84 7.69 -4.01
N SER A 17 -6.12 7.63 -3.71
CA SER A 17 -6.63 6.40 -3.12
C SER A 17 -7.93 6.00 -3.69
N CYS A 18 -8.23 4.74 -3.50
CA CYS A 18 -9.52 4.16 -3.87
C CYS A 18 -9.73 2.92 -3.02
N VAL A 19 -10.97 2.43 -2.94
CA VAL A 19 -11.26 1.18 -2.25
C VAL A 19 -11.19 0.10 -3.31
N ILE A 20 -10.34 -0.90 -3.11
CA ILE A 20 -10.25 -2.05 -4.01
C ILE A 20 -10.91 -3.24 -3.35
N THR A 21 -11.87 -3.90 -4.03
CA THR A 21 -12.49 -5.09 -3.52
C THR A 21 -12.08 -6.25 -4.39
N THR A 22 -11.59 -7.33 -3.75
CA THR A 22 -11.32 -8.60 -4.41
C THR A 22 -12.25 -9.58 -3.74
N GLU A 23 -12.19 -10.84 -4.11
CA GLU A 23 -13.04 -11.83 -3.44
C GLU A 23 -12.63 -12.03 -1.96
N ASN A 24 -11.41 -11.58 -1.57
CA ASN A 24 -10.86 -11.72 -0.23
C ASN A 24 -11.06 -10.52 0.70
N GLY A 25 -11.74 -9.47 0.24
CA GLY A 25 -12.06 -8.33 1.08
C GLY A 25 -11.83 -7.01 0.41
N LYS A 26 -11.93 -5.94 1.22
CA LYS A 26 -11.74 -4.55 0.80
C LYS A 26 -10.40 -4.04 1.31
N PHE A 27 -9.69 -3.32 0.45
CA PHE A 27 -8.36 -2.80 0.72
C PHE A 27 -8.27 -1.35 0.33
N THR A 28 -7.39 -0.57 1.01
CA THR A 28 -7.10 0.78 0.58
C THR A 28 -6.15 0.56 -0.61
N GLY A 29 -6.43 1.17 -1.76
CA GLY A 29 -5.59 1.08 -2.94
C GLY A 29 -4.86 2.38 -3.14
N LEU A 30 -3.56 2.31 -3.31
CA LEU A 30 -2.78 3.49 -3.52
C LEU A 30 -2.54 3.65 -5.02
N GLY A 31 -3.08 4.72 -5.59
CA GLY A 31 -2.82 5.08 -6.97
C GLY A 31 -1.48 5.78 -7.10
N VAL A 32 -0.58 5.24 -7.93
CA VAL A 32 0.78 5.79 -7.98
C VAL A 32 0.93 6.80 -9.10
N TYR A 33 0.45 6.44 -10.29
CA TYR A 33 0.47 7.33 -11.47
C TYR A 33 -0.36 6.64 -12.56
N ASP A 34 -0.75 7.41 -13.58
CA ASP A 34 -1.48 6.89 -14.72
C ASP A 34 -2.62 5.96 -14.20
N ARG A 35 -2.70 4.70 -14.64
CA ARG A 35 -3.78 3.80 -14.25
C ARG A 35 -3.25 2.71 -13.33
N PHE A 36 -2.13 2.98 -12.62
CA PHE A 36 -1.48 1.99 -11.76
C PHE A 36 -1.80 2.19 -10.31
N VAL A 37 -2.29 1.08 -9.69
CA VAL A 37 -2.63 1.08 -8.27
CA VAL A 37 -2.65 1.03 -8.26
CA VAL A 37 -2.63 1.03 -8.25
C VAL A 37 -1.86 -0.08 -7.60
N VAL A 38 -1.51 0.08 -6.32
CA VAL A 38 -0.84 -0.97 -5.58
C VAL A 38 -1.79 -1.47 -4.51
N VAL A 39 -1.74 -2.82 -4.30
CA VAL A 39 -2.50 -3.47 -3.26
C VAL A 39 -1.55 -4.50 -2.66
N PRO A 40 -1.84 -5.00 -1.44
CA PRO A 40 -1.05 -6.12 -0.93
C PRO A 40 -1.25 -7.34 -1.83
N THR A 41 -0.21 -8.11 -2.05
CA THR A 41 -0.31 -9.31 -2.89
C THR A 41 -1.28 -10.28 -2.32
N HIS A 42 -1.38 -10.36 -0.98
CA HIS A 42 -2.32 -11.30 -0.38
C HIS A 42 -3.78 -10.97 -0.67
N ALA A 43 -4.09 -9.76 -1.23
CA ALA A 43 -5.45 -9.45 -1.67
C ALA A 43 -5.87 -10.35 -2.83
N ASP A 44 -4.90 -10.91 -3.57
CA ASP A 44 -5.11 -11.82 -4.70
C ASP A 44 -6.13 -11.29 -5.70
N PRO A 45 -5.83 -10.11 -6.28
CA PRO A 45 -6.73 -9.57 -7.29
C PRO A 45 -6.83 -10.47 -8.51
N GLY A 46 -8.05 -10.59 -9.01
CA GLY A 46 -8.32 -11.37 -10.19
C GLY A 46 -8.29 -10.57 -11.49
N LYS A 47 -8.95 -11.12 -12.51
CA LYS A 47 -9.03 -10.50 -13.84
C LYS A 47 -9.86 -9.21 -13.78
N GLU A 48 -10.76 -9.08 -12.79
CA GLU A 48 -11.49 -7.86 -12.52
C GLU A 48 -11.43 -7.61 -11.01
N ILE A 49 -11.52 -6.35 -10.63
CA ILE A 49 -11.60 -5.95 -9.23
C ILE A 49 -12.72 -4.93 -9.17
N GLN A 50 -13.13 -4.52 -7.97
CA GLN A 50 -14.01 -3.35 -7.87
C GLN A 50 -13.13 -2.18 -7.44
N VAL A 51 -13.30 -1.03 -8.07
CA VAL A 51 -12.62 0.21 -7.72
C VAL A 51 -13.76 1.15 -7.26
N ASP A 52 -13.84 1.46 -5.94
CA ASP A 52 -14.95 2.24 -5.39
C ASP A 52 -16.29 1.67 -5.85
N GLY A 53 -16.38 0.34 -5.81
CA GLY A 53 -17.61 -0.39 -6.14
C GLY A 53 -17.89 -0.67 -7.59
N ILE A 54 -17.06 -0.17 -8.51
CA ILE A 54 -17.25 -0.33 -9.94
C ILE A 54 -16.34 -1.46 -10.42
N THR A 55 -16.93 -2.49 -11.04
CA THR A 55 -16.13 -3.59 -11.60
C THR A 55 -15.27 -3.06 -12.72
N THR A 56 -13.94 -3.30 -12.63
CA THR A 56 -12.94 -2.76 -13.52
C THR A 56 -12.01 -3.88 -13.95
N LYS A 57 -11.79 -4.02 -15.27
CA LYS A 57 -10.89 -5.06 -15.77
C LYS A 57 -9.46 -4.67 -15.39
N VAL A 58 -8.67 -5.68 -14.99
CA VAL A 58 -7.25 -5.51 -14.72
C VAL A 58 -6.54 -5.84 -16.03
N ILE A 59 -5.82 -4.87 -16.62
CA ILE A 59 -5.10 -5.09 -17.88
CA ILE A 59 -5.08 -5.07 -17.88
C ILE A 59 -3.82 -5.89 -17.64
N ASP A 60 -3.02 -5.48 -16.64
CA ASP A 60 -1.76 -6.14 -16.28
C ASP A 60 -1.68 -6.18 -14.77
N SER A 61 -1.02 -7.22 -14.25
CA SER A 61 -0.83 -7.38 -12.81
CA SER A 61 -0.86 -7.43 -12.81
C SER A 61 0.57 -7.93 -12.56
N TYR A 62 1.30 -7.31 -11.63
CA TYR A 62 2.66 -7.71 -11.30
C TYR A 62 2.80 -7.91 -9.80
N ASP A 63 3.13 -9.13 -9.34
CA ASP A 63 3.45 -9.42 -7.93
C ASP A 63 4.97 -9.22 -7.84
N LEU A 64 5.45 -8.32 -6.97
CA LEU A 64 6.85 -8.02 -6.90
C LEU A 64 7.62 -8.92 -5.94
N TYR A 65 8.81 -9.30 -6.35
CA TYR A 65 9.72 -10.14 -5.59
C TYR A 65 11.08 -9.49 -5.57
N ASN A 66 11.89 -9.79 -4.55
CA ASN A 66 13.26 -9.30 -4.55
C ASN A 66 14.12 -10.21 -5.44
N LYS A 67 15.41 -9.88 -5.61
CA LYS A 67 16.32 -10.67 -6.46
C LYS A 67 16.44 -12.14 -6.02
N ASN A 68 16.30 -12.43 -4.74
CA ASN A 68 16.38 -13.79 -4.21
C ASN A 68 15.05 -14.56 -4.30
N GLY A 69 14.02 -13.96 -4.92
CA GLY A 69 12.74 -14.62 -5.13
C GLY A 69 11.83 -14.63 -3.93
N ILE A 70 12.04 -13.70 -2.99
CA ILE A 70 11.17 -13.55 -1.81
C ILE A 70 10.12 -12.50 -2.12
N LYS A 71 8.86 -12.79 -1.85
CA LYS A 71 7.80 -11.86 -2.11
C LYS A 71 7.93 -10.62 -1.29
N LEU A 72 7.58 -9.49 -1.90
CA LEU A 72 7.60 -8.18 -1.27
C LEU A 72 6.21 -7.78 -0.73
N GLU A 73 5.16 -8.50 -1.13
CA GLU A 73 3.78 -8.19 -0.76
C GLU A 73 3.28 -6.89 -1.44
N ILE A 74 3.92 -6.44 -2.52
CA ILE A 74 3.42 -5.36 -3.35
C ILE A 74 2.91 -6.01 -4.63
N THR A 75 1.65 -5.71 -5.03
CA THR A 75 1.11 -6.11 -6.32
C THR A 75 0.72 -4.81 -7.03
N VAL A 76 1.21 -4.63 -8.25
CA VAL A 76 0.91 -3.45 -9.09
C VAL A 76 -0.14 -3.91 -10.10
N LEU A 77 -1.22 -3.14 -10.22
CA LEU A 77 -2.28 -3.41 -11.19
C LEU A 77 -2.42 -2.24 -12.11
N LYS A 78 -2.55 -2.49 -13.41
CA LYS A 78 -2.84 -1.46 -14.41
C LYS A 78 -4.36 -1.62 -14.68
N LEU A 79 -5.13 -0.59 -14.38
CA LEU A 79 -6.57 -0.62 -14.50
C LEU A 79 -7.13 -0.14 -15.83
N ASP A 80 -8.25 -0.75 -16.26
CA ASP A 80 -8.94 -0.37 -17.48
C ASP A 80 -9.93 0.72 -17.15
N ARG A 81 -9.48 1.96 -17.10
N ARG A 81 -9.43 1.96 -16.91
CA ARG A 81 -10.40 3.07 -16.89
CA ARG A 81 -10.27 3.11 -16.56
C ARG A 81 -9.78 4.35 -17.37
C ARG A 81 -9.71 4.41 -17.14
N ASN A 82 -10.60 5.38 -17.43
CA ASN A 82 -10.23 6.68 -17.95
C ASN A 82 -9.33 7.47 -17.04
N GLU A 83 -9.71 7.58 -15.77
CA GLU A 83 -9.02 8.41 -14.79
C GLU A 83 -7.54 8.09 -14.70
N LYS A 84 -6.70 9.12 -14.55
CA LYS A 84 -5.28 8.98 -14.31
C LYS A 84 -5.03 9.51 -12.91
N PHE A 85 -4.24 8.81 -12.10
CA PHE A 85 -3.91 9.30 -10.78
C PHE A 85 -2.87 10.38 -10.87
N ARG A 86 -2.94 11.34 -9.95
CA ARG A 86 -1.87 12.33 -9.76
C ARG A 86 -0.56 11.52 -9.56
N ASP A 87 0.50 11.91 -10.25
CA ASP A 87 1.74 11.20 -10.20
C ASP A 87 2.46 11.50 -8.89
N ILE A 88 2.57 10.51 -8.00
CA ILE A 88 3.23 10.66 -6.71
C ILE A 88 4.58 9.91 -6.64
N ARG A 89 5.14 9.53 -7.80
CA ARG A 89 6.43 8.86 -7.79
C ARG A 89 7.52 9.72 -7.17
N ARG A 90 7.46 11.06 -7.28
CA ARG A 90 8.45 11.95 -6.65
C ARG A 90 8.52 11.81 -5.12
N TYR A 91 7.46 11.29 -4.49
CA TYR A 91 7.42 11.09 -3.03
C TYR A 91 8.00 9.75 -2.57
N ILE A 92 8.27 8.83 -3.50
CA ILE A 92 8.68 7.49 -3.11
C ILE A 92 10.18 7.45 -2.89
N PRO A 93 10.65 6.89 -1.76
CA PRO A 93 12.10 6.83 -1.54
C PRO A 93 12.85 5.96 -2.54
N ASN A 94 14.12 6.31 -2.78
CA ASN A 94 14.97 5.50 -3.66
C ASN A 94 15.50 4.29 -2.89
N ASN A 95 15.74 4.44 -1.57
CA ASN A 95 16.38 3.42 -0.73
C ASN A 95 15.57 2.99 0.50
N GLU A 96 15.97 1.84 1.06
CA GLU A 96 15.42 1.38 2.32
C GLU A 96 16.00 2.30 3.43
N ASP A 97 15.17 2.67 4.42
CA ASP A 97 15.62 3.48 5.55
C ASP A 97 14.62 3.31 6.67
N ASP A 98 14.96 3.91 7.81
CA ASP A 98 14.10 4.07 8.98
C ASP A 98 13.50 5.47 8.88
N TYR A 99 12.31 5.67 9.49
CA TYR A 99 11.61 6.95 9.45
C TYR A 99 10.94 7.25 10.79
N PRO A 100 11.21 8.40 11.41
CA PRO A 100 10.51 8.71 12.65
C PRO A 100 9.12 9.26 12.39
N ASN A 101 8.22 9.07 13.35
CA ASN A 101 6.93 9.71 13.42
C ASN A 101 6.12 9.61 12.12
N CYS A 102 5.74 8.39 11.75
CA CYS A 102 4.98 8.12 10.56
C CYS A 102 3.50 8.01 10.84
N ASN A 103 2.72 8.14 9.74
CA ASN A 103 1.27 8.06 9.76
C ASN A 103 0.80 7.01 8.78
N LEU A 104 -0.39 6.47 9.01
CA LEU A 104 -1.06 5.55 8.09
C LEU A 104 -2.35 6.28 7.64
N ALA A 105 -2.58 6.41 6.36
CA ALA A 105 -3.80 6.99 5.79
C ALA A 105 -4.70 5.83 5.38
N LEU A 106 -5.90 5.77 5.97
CA LEU A 106 -6.84 4.68 5.77
C LEU A 106 -8.10 5.17 5.09
N LEU A 107 -8.61 4.34 4.15
CA LEU A 107 -9.85 4.61 3.43
C LEU A 107 -10.82 3.44 3.57
N ALA A 108 -10.40 2.24 3.14
CA ALA A 108 -11.30 1.09 3.15
C ALA A 108 -11.64 0.65 4.58
N ASN A 109 -12.85 0.09 4.73
CA ASN A 109 -13.35 -0.56 5.96
C ASN A 109 -13.65 0.38 7.12
N GLN A 110 -13.95 1.63 6.82
CA GLN A 110 -14.32 2.63 7.83
C GLN A 110 -15.18 3.68 7.18
N PRO A 111 -16.02 4.41 7.93
CA PRO A 111 -16.97 5.31 7.27
C PRO A 111 -16.38 6.53 6.60
N GLU A 112 -15.28 7.04 7.10
CA GLU A 112 -14.62 8.20 6.51
C GLU A 112 -13.11 7.99 6.48
N PRO A 113 -12.38 8.61 5.55
CA PRO A 113 -10.92 8.47 5.61
C PRO A 113 -10.33 9.06 6.90
N THR A 114 -9.32 8.38 7.49
CA THR A 114 -8.70 8.88 8.72
C THR A 114 -7.19 8.64 8.64
N ILE A 115 -6.46 9.34 9.48
CA ILE A 115 -5.01 9.28 9.62
C ILE A 115 -4.69 8.79 11.02
N ILE A 116 -3.82 7.78 11.14
CA ILE A 116 -3.39 7.24 12.42
C ILE A 116 -1.91 7.40 12.52
N ASN A 117 -1.44 8.00 13.61
CA ASN A 117 -0.02 8.15 13.86
C ASN A 117 0.46 6.81 14.42
N VAL A 118 1.39 6.15 13.73
CA VAL A 118 1.91 4.84 14.14
C VAL A 118 3.27 4.92 14.79
N GLY A 119 3.83 6.12 14.92
CA GLY A 119 5.10 6.36 15.57
C GLY A 119 6.28 6.05 14.68
N ASP A 120 7.43 5.77 15.31
CA ASP A 120 8.64 5.53 14.56
C ASP A 120 8.59 4.21 13.82
N VAL A 121 9.16 4.22 12.62
CA VAL A 121 9.19 3.07 11.74
C VAL A 121 10.60 2.64 11.45
N VAL A 122 10.81 1.33 11.43
CA VAL A 122 12.11 0.80 11.08
C VAL A 122 12.07 -0.14 9.92
N SER A 123 13.15 -0.14 9.14
CA SER A 123 13.41 -1.11 8.10
C SER A 123 13.72 -2.42 8.84
N TYR A 124 12.79 -3.36 8.81
CA TYR A 124 12.83 -4.55 9.66
C TYR A 124 13.36 -5.80 9.03
N GLY A 125 13.57 -5.82 7.72
CA GLY A 125 14.05 -7.01 7.05
C GLY A 125 12.90 -7.95 6.70
N ASN A 126 13.18 -9.26 6.83
CA ASN A 126 12.22 -10.29 6.46
CA ASN A 126 12.24 -10.32 6.47
C ASN A 126 11.45 -10.84 7.65
N ILE A 127 10.19 -11.17 7.40
CA ILE A 127 9.33 -11.79 8.41
C ILE A 127 8.66 -12.99 7.81
N LEU A 128 7.99 -13.79 8.65
CA LEU A 128 7.16 -14.88 8.19
C LEU A 128 5.74 -14.36 8.36
N LEU A 129 5.06 -14.12 7.23
CA LEU A 129 3.69 -13.62 7.23
C LEU A 129 2.79 -14.84 6.94
N SER A 130 2.05 -15.31 7.95
CA SER A 130 1.27 -16.56 7.83
C SER A 130 2.16 -17.70 7.28
N GLY A 131 3.38 -17.80 7.82
CA GLY A 131 4.34 -18.84 7.49
C GLY A 131 5.17 -18.67 6.23
N ASN A 132 4.95 -17.58 5.48
N ASN A 132 4.93 -17.57 5.50
CA ASN A 132 5.63 -17.36 4.21
CA ASN A 132 5.60 -17.26 4.24
C ASN A 132 6.55 -16.13 4.31
C ASN A 132 6.58 -16.12 4.39
N GLN A 133 7.84 -16.34 4.02
CA GLN A 133 8.85 -15.30 4.11
C GLN A 133 8.48 -14.10 3.22
N THR A 134 8.54 -12.90 3.78
CA THR A 134 8.20 -11.64 3.11
C THR A 134 9.30 -10.66 3.35
N ALA A 135 9.83 -10.04 2.30
CA ALA A 135 10.98 -9.16 2.41
C ALA A 135 10.65 -7.68 2.47
N ARG A 136 11.63 -6.86 2.87
CA ARG A 136 11.55 -5.40 2.90
C ARG A 136 10.39 -4.89 3.70
N MET A 137 10.22 -5.42 4.89
CA MET A 137 9.16 -4.92 5.77
C MET A 137 9.59 -3.66 6.48
N LEU A 138 8.59 -2.75 6.67
CA LEU A 138 8.69 -1.56 7.49
C LEU A 138 7.82 -1.84 8.70
N LYS A 139 8.37 -1.77 9.92
CA LYS A 139 7.70 -2.15 11.13
C LYS A 139 7.41 -0.94 12.00
N TYR A 140 6.27 -0.98 12.69
CA TYR A 140 5.87 0.05 13.65
C TYR A 140 5.21 -0.62 14.85
N SER A 141 5.33 0.01 16.04
CA SER A 141 4.72 -0.50 17.26
C SER A 141 3.31 0.11 17.37
N TYR A 142 2.35 -0.49 16.67
CA TYR A 142 0.97 -0.06 16.71
C TYR A 142 0.09 -1.27 16.47
N PRO A 143 -0.98 -1.42 17.26
CA PRO A 143 -1.83 -2.62 17.14
C PRO A 143 -2.83 -2.48 15.99
N THR A 144 -2.27 -2.49 14.76
CA THR A 144 -3.09 -2.44 13.54
C THR A 144 -3.98 -3.68 13.51
N LYS A 145 -5.11 -3.57 12.83
CA LYS A 145 -6.11 -4.63 12.77
C LYS A 145 -6.52 -4.94 11.37
N SER A 146 -7.39 -5.97 11.26
CA SER A 146 -8.01 -6.31 10.02
C SER A 146 -8.77 -5.05 9.61
N GLY A 147 -8.67 -4.75 8.36
CA GLY A 147 -9.34 -3.58 7.79
C GLY A 147 -8.37 -2.49 7.41
N TYR A 148 -7.16 -2.51 7.98
CA TYR A 148 -6.13 -1.53 7.72
C TYR A 148 -5.30 -1.83 6.46
N CYS A 149 -5.44 -3.02 5.85
CA CYS A 149 -4.57 -3.34 4.74
C CYS A 149 -4.71 -2.44 3.54
N GLY A 150 -3.54 -2.09 2.99
CA GLY A 150 -3.42 -1.10 1.94
C GLY A 150 -3.21 0.31 2.45
N GLY A 151 -3.44 0.52 3.74
CA GLY A 151 -3.27 1.83 4.37
C GLY A 151 -1.92 2.38 3.96
N VAL A 152 -1.87 3.68 3.62
CA VAL A 152 -0.66 4.28 3.09
C VAL A 152 0.22 4.84 4.20
N LEU A 153 1.41 4.27 4.34
CA LEU A 153 2.38 4.72 5.35
C LEU A 153 3.11 5.92 4.74
N TYR A 154 3.11 7.05 5.46
CA TYR A 154 3.70 8.26 4.88
C TYR A 154 4.17 9.26 5.96
N LYS A 155 4.95 10.19 5.46
CA LYS A 155 5.34 11.44 6.13
C LYS A 155 5.13 12.55 5.09
N ILE A 156 5.19 13.81 5.49
CA ILE A 156 5.04 14.89 4.51
C ILE A 156 6.12 14.72 3.42
N GLY A 157 5.69 14.69 2.16
CA GLY A 157 6.58 14.52 1.02
C GLY A 157 7.19 13.13 0.85
N GLN A 158 6.77 12.15 1.66
CA GLN A 158 7.34 10.80 1.62
C GLN A 158 6.25 9.73 1.70
N VAL A 159 6.08 8.95 0.62
CA VAL A 159 5.11 7.85 0.57
C VAL A 159 5.95 6.58 0.68
N LEU A 160 5.86 5.93 1.83
CA LEU A 160 6.83 4.93 2.28
C LEU A 160 6.48 3.47 2.08
N GLY A 161 5.20 3.18 2.10
CA GLY A 161 4.79 1.79 2.01
C GLY A 161 3.29 1.64 2.11
N ILE A 162 2.82 0.40 2.05
CA ILE A 162 1.41 0.06 2.26
C ILE A 162 1.26 -1.01 3.33
N HIS A 163 0.24 -0.87 4.16
CA HIS A 163 0.05 -1.79 5.25
C HIS A 163 -0.35 -3.19 4.81
N VAL A 164 0.40 -4.21 5.30
CA VAL A 164 0.11 -5.60 4.90
C VAL A 164 -0.15 -6.58 6.06
N GLY A 165 0.30 -6.33 7.27
CA GLY A 165 0.13 -7.31 8.32
C GLY A 165 0.40 -6.80 9.70
N GLY A 166 0.14 -7.67 10.67
CA GLY A 166 0.29 -7.32 12.07
C GLY A 166 -0.04 -8.49 12.96
N ASN A 167 0.35 -8.40 14.21
CA ASN A 167 0.17 -9.49 15.17
C ASN A 167 -0.49 -9.08 16.48
N GLY A 168 -1.09 -7.89 16.50
CA GLY A 168 -1.73 -7.35 17.69
C GLY A 168 -0.84 -6.46 18.55
N ARG A 169 0.47 -6.46 18.29
CA ARG A 169 1.45 -5.61 18.97
C ARG A 169 2.07 -4.69 17.91
N ASP A 170 2.61 -5.30 16.85
CA ASP A 170 3.28 -4.55 15.79
C ASP A 170 2.50 -4.60 14.51
N GLY A 171 2.82 -3.66 13.63
CA GLY A 171 2.24 -3.51 12.31
C GLY A 171 3.35 -3.50 11.27
N PHE A 172 3.05 -3.97 10.06
CA PHE A 172 4.02 -4.08 8.99
C PHE A 172 3.51 -3.56 7.67
N SER A 173 4.34 -2.73 7.00
CA SER A 173 4.05 -2.28 5.66
C SER A 173 5.05 -2.90 4.70
N ALA A 174 4.61 -3.13 3.46
CA ALA A 174 5.49 -3.46 2.36
C ALA A 174 6.10 -2.15 1.92
N MET A 175 7.42 -2.13 1.77
CA MET A 175 8.14 -0.92 1.34
C MET A 175 7.81 -0.55 -0.13
N LEU A 176 7.76 0.78 -0.39
CA LEU A 176 7.68 1.27 -1.76
C LEU A 176 9.03 1.92 -2.05
N LEU A 177 9.63 1.52 -3.16
CA LEU A 177 10.87 2.06 -3.64
C LEU A 177 10.64 2.60 -5.03
N ARG A 178 11.31 3.70 -5.36
CA ARG A 178 11.10 4.40 -6.62
C ARG A 178 11.35 3.51 -7.83
N SER A 179 12.32 2.62 -7.75
CA SER A 179 12.68 1.73 -8.85
C SER A 179 11.58 0.69 -9.17
N TYR A 180 10.53 0.54 -8.32
CA TYR A 180 9.44 -0.36 -8.63
C TYR A 180 8.62 0.19 -9.83
N PHE A 181 8.86 1.46 -10.23
CA PHE A 181 8.21 2.09 -11.39
C PHE A 181 9.23 2.70 -12.32
N THR A 182 8.89 2.90 -13.61
CA THR A 182 9.78 3.61 -14.54
C THR A 182 9.38 5.10 -14.46
C 6OY B . -9.48 -9.96 7.41
N 6OY B . -3.45 -7.01 12.21
O 6OY B . -7.71 -9.25 5.90
C1 6OY B . -9.16 -9.47 6.05
N1 6OY B . -3.40 -8.39 7.16
O1 6OY B . -7.83 -7.30 7.01
C2 6OY B . -7.26 -8.05 6.26
N2 6OY B . -1.69 -11.48 7.70
O2 6OY B . -2.43 -5.43 10.89
C3 6OY B . -5.97 -7.74 5.55
N3 6OY B . 0.23 -11.80 10.72
O3 6OY B . -4.31 -10.34 7.91
C4 6OY B . -5.08 -6.78 6.36
N4 6OY B . 2.24 -10.44 11.95
O4 6OY B . -1.22 -9.99 9.32
C5 6OY B . -4.49 -7.51 7.57
O5 6OY B . 1.73 -13.39 10.04
C6 6OY B . -4.01 -6.59 8.69
O6 6OY B . 3.51 -10.01 12.47
C7 6OY B . -3.49 -7.39 9.91
C8 6OY B . -4.49 -8.35 10.60
C9 6OY B . -4.05 -8.32 12.08
C10 6OY B . -3.07 -6.47 11.05
C11 6OY B . -3.41 -9.72 7.33
C12 6OY B . -2.16 -10.42 6.79
C13 6OY B . -2.47 -11.17 5.50
C14 6OY B . -2.85 -12.60 6.00
C15 6OY B . -1.82 -12.82 7.11
C16 6OY B . -1.25 -11.15 8.92
C17 6OY B . -0.83 -12.28 9.86
C18 6OY B . -2.04 -12.87 10.60
C19 6OY B . -2.73 -11.88 11.51
C20 6OY B . -1.68 -14.17 11.34
C21 6OY B . 1.46 -12.35 10.67
C22 6OY B . 2.50 -11.63 11.42
C23 6OY B . 3.87 -11.96 11.52
C24 6OY B . 4.42 -10.97 12.21
C25 6OY B . 5.81 -10.67 12.65
C26 6OY B . -2.81 -13.56 4.82
C27 6OY B . -1.59 -13.98 4.26
C28 6OY B . -1.57 -14.80 3.15
C29 6OY B . -2.76 -15.28 2.61
C30 6OY B . -3.96 -14.88 3.16
C31 6OY B . -3.99 -14.00 4.23
#